data_6ZQY
#
_entry.id   6ZQY
#
_cell.length_a   119.290
_cell.length_b   119.290
_cell.length_c   44.210
_cell.angle_alpha   90.000
_cell.angle_beta   90.000
_cell.angle_gamma   90.000
#
_symmetry.space_group_name_H-M   'P 4'
#
loop_
_entity.id
_entity.type
_entity.pdbx_description
1 polymer 'Fibrinogen C domain-containing protein 1'
2 branched alpha-L-fucopyranose-(1-3)-[2-acetamido-2-deoxy-beta-D-glucopyranose-(1-4)]2-acetamido-2-deoxy-beta-D-glucopyranose
3 non-polymer 'CALCIUM ION'
4 non-polymer 'SULFATE ION'
5 non-polymer 'ACETIC ACID'
6 non-polymer 'N-acetyl-beta-neuraminic acid'
7 water water
#
_entity_poly.entity_id   1
_entity_poly.type   'polypeptide(L)'
_entity_poly.pdbx_seq_one_letter_code
;ATGSRPRDCLDVLLSGQQDDGVYSVFPTHYPAGFQVYCDMRTDGGGWTVFQRREDGSVNFFRGWDAYRDGFGRLTGEHWL
GLKRIHALTTQAAYELHVDLEDFENGTAYARYGSFGVGLFSVDPEEDGYPLTVADYSGTAGDSLLKHSGMRFTTKDRDSD
HSENNCAAFYRGAWWYRNCHTSNLNGQYLRGAHASYADGVEWSSWTGWQYSLKFSEMKIRPVREDR
;
_entity_poly.pdbx_strand_id   A,B
#
loop_
_chem_comp.id
_chem_comp.type
_chem_comp.name
_chem_comp.formula
ACY non-polymer 'ACETIC ACID' 'C2 H4 O2'
CA non-polymer 'CALCIUM ION' 'Ca 2'
FUC L-saccharide, alpha linking alpha-L-fucopyranose 'C6 H12 O5'
NAG D-saccharide, beta linking 2-acetamido-2-deoxy-beta-D-glucopyranose 'C8 H15 N O6'
SLB D-saccharide, beta linking 'N-acetyl-beta-neuraminic acid' 'C11 H19 N O9'
SO4 non-polymer 'SULFATE ION' 'O4 S -2'
#
# COMPACT_ATOMS: atom_id res chain seq x y z
N SER A 4 5.64 -47.41 -37.25
CA SER A 4 6.61 -47.28 -36.13
C SER A 4 7.59 -46.12 -36.38
N ARG A 5 7.20 -45.15 -37.23
CA ARG A 5 8.00 -43.92 -37.51
C ARG A 5 7.10 -42.70 -37.31
N PRO A 6 6.68 -42.42 -36.07
CA PRO A 6 5.92 -41.21 -35.76
C PRO A 6 6.78 -39.97 -36.10
N ARG A 7 6.17 -38.93 -36.65
CA ARG A 7 6.86 -37.70 -37.10
C ARG A 7 6.95 -36.70 -35.94
N ASP A 8 6.15 -36.90 -34.89
CA ASP A 8 6.08 -35.99 -33.71
C ASP A 8 5.30 -36.67 -32.59
N CYS A 9 5.16 -35.99 -31.46
CA CYS A 9 4.50 -36.52 -30.24
C CYS A 9 3.00 -36.76 -30.46
N LEU A 10 2.36 -36.06 -31.40
CA LEU A 10 0.94 -36.32 -31.72
C LEU A 10 0.82 -37.71 -32.37
N ASP A 11 1.67 -38.03 -33.34
CA ASP A 11 1.74 -39.38 -33.96
C ASP A 11 1.96 -40.43 -32.86
N VAL A 12 2.85 -40.13 -31.90
CA VAL A 12 3.12 -41.05 -30.74
C VAL A 12 1.81 -41.28 -29.99
N LEU A 13 1.11 -40.21 -29.64
CA LEU A 13 -0.14 -40.27 -28.85
C LEU A 13 -1.19 -41.09 -29.60
N LEU A 14 -1.41 -40.77 -30.88
CA LEU A 14 -2.48 -41.38 -31.71
C LEU A 14 -2.19 -42.87 -31.97
N SER A 15 -0.93 -43.31 -31.83
CA SER A 15 -0.51 -44.74 -31.94
C SER A 15 -0.82 -45.49 -30.64
N GLY A 16 -1.27 -44.79 -29.58
CA GLY A 16 -1.77 -45.39 -28.33
C GLY A 16 -0.79 -45.26 -27.16
N GLN A 17 0.20 -44.37 -27.25
CA GLN A 17 1.15 -44.05 -26.14
C GLN A 17 0.61 -42.85 -25.36
N GLN A 18 0.01 -43.06 -24.19
CA GLN A 18 -0.73 -42.01 -23.44
C GLN A 18 0.14 -41.40 -22.33
N ASP A 19 1.31 -41.96 -22.03
CA ASP A 19 2.14 -41.52 -20.88
C ASP A 19 3.11 -40.42 -21.32
N ASP A 20 3.18 -39.34 -20.53
CA ASP A 20 4.27 -38.33 -20.60
C ASP A 20 5.61 -39.08 -20.57
N GLY A 21 6.60 -38.66 -21.35
CA GLY A 21 7.93 -39.26 -21.30
C GLY A 21 8.71 -39.05 -22.60
N VAL A 22 9.82 -39.75 -22.74
CA VAL A 22 10.77 -39.62 -23.87
C VAL A 22 10.40 -40.65 -24.94
N TYR A 23 10.28 -40.21 -26.19
CA TYR A 23 9.95 -41.04 -27.37
C TYR A 23 10.82 -40.64 -28.55
N SER A 24 11.03 -41.61 -29.45
CA SER A 24 11.67 -41.44 -30.78
C SER A 24 10.66 -40.87 -31.77
N VAL A 25 11.07 -39.85 -32.51
CA VAL A 25 10.28 -39.24 -33.62
C VAL A 25 11.20 -39.09 -34.83
N PHE A 26 10.60 -39.05 -36.02
CA PHE A 26 11.30 -39.15 -37.33
C PHE A 26 10.70 -38.10 -38.26
N PRO A 27 11.13 -36.82 -38.15
CA PRO A 27 10.64 -35.78 -39.06
C PRO A 27 10.96 -36.08 -40.53
N THR A 28 10.14 -35.56 -41.46
CA THR A 28 10.20 -35.82 -42.91
C THR A 28 11.66 -35.67 -43.42
N HIS A 29 12.34 -34.58 -43.09
CA HIS A 29 13.69 -34.26 -43.62
C HIS A 29 14.79 -34.51 -42.57
N TYR A 30 14.48 -35.26 -41.52
CA TYR A 30 15.43 -35.72 -40.47
C TYR A 30 15.17 -37.21 -40.22
N PRO A 31 15.31 -38.07 -41.26
CA PRO A 31 14.86 -39.46 -41.17
C PRO A 31 15.62 -40.33 -40.16
N ALA A 32 16.83 -39.95 -39.77
CA ALA A 32 17.58 -40.62 -38.67
C ALA A 32 16.74 -40.54 -37.40
N GLY A 33 15.99 -39.44 -37.23
CA GLY A 33 15.12 -39.21 -36.08
C GLY A 33 15.92 -38.84 -34.85
N PHE A 34 15.22 -38.61 -33.75
CA PHE A 34 15.83 -38.22 -32.46
C PHE A 34 14.79 -38.39 -31.35
N GLN A 35 15.25 -38.33 -30.11
CA GLN A 35 14.36 -38.46 -28.92
C GLN A 35 13.90 -37.07 -28.50
N VAL A 36 12.66 -37.00 -28.01
CA VAL A 36 12.02 -35.75 -27.51
C VAL A 36 11.22 -36.10 -26.26
N TYR A 37 10.88 -35.08 -25.46
CA TYR A 37 9.89 -35.21 -24.37
C TYR A 37 8.50 -34.88 -24.94
N CYS A 38 7.55 -35.79 -24.74
CA CYS A 38 6.13 -35.64 -25.17
C CYS A 38 5.26 -35.32 -23.96
N ASP A 39 4.51 -34.22 -24.03
CA ASP A 39 3.43 -33.87 -23.07
C ASP A 39 2.11 -34.43 -23.62
N MET A 40 1.60 -35.50 -23.00
CA MET A 40 0.39 -36.23 -23.44
C MET A 40 -0.83 -35.80 -22.62
N ARG A 41 -0.76 -34.69 -21.88
CA ARG A 41 -1.82 -34.24 -20.94
C ARG A 41 -2.45 -32.93 -21.40
N THR A 42 -1.64 -31.91 -21.69
CA THR A 42 -2.11 -30.53 -22.00
C THR A 42 -3.08 -30.55 -23.18
N ASP A 43 -4.30 -30.04 -22.98
CA ASP A 43 -5.35 -29.85 -24.03
C ASP A 43 -5.46 -31.12 -24.89
N GLY A 44 -5.51 -32.29 -24.26
CA GLY A 44 -5.70 -33.58 -24.97
C GLY A 44 -4.39 -34.26 -25.33
N GLY A 45 -3.25 -33.59 -25.17
CA GLY A 45 -1.91 -34.21 -25.35
C GLY A 45 -1.38 -34.12 -26.77
N GLY A 46 -0.18 -34.68 -27.00
CA GLY A 46 0.49 -34.79 -28.31
C GLY A 46 1.43 -33.63 -28.58
N TRP A 47 1.97 -33.00 -27.53
CA TRP A 47 2.89 -31.82 -27.63
C TRP A 47 4.34 -32.30 -27.60
N THR A 48 5.13 -31.83 -28.56
CA THR A 48 6.61 -32.04 -28.59
C THR A 48 7.28 -30.85 -27.91
N VAL A 49 7.93 -31.10 -26.77
CA VAL A 49 8.65 -30.07 -25.97
C VAL A 49 9.94 -29.73 -26.72
N PHE A 50 10.32 -28.45 -26.80
CA PHE A 50 11.65 -28.05 -27.33
C PHE A 50 12.42 -27.15 -26.35
N GLN A 51 11.79 -26.70 -25.26
CA GLN A 51 12.46 -25.84 -24.25
C GLN A 51 11.84 -26.12 -22.88
N ARG A 52 12.68 -26.22 -21.84
CA ARG A 52 12.20 -26.35 -20.44
C ARG A 52 13.19 -25.67 -19.49
N ARG A 53 12.68 -24.77 -18.65
CA ARG A 53 13.37 -24.21 -17.46
C ARG A 53 12.60 -24.68 -16.23
N GLU A 54 13.27 -25.07 -15.16
CA GLU A 54 12.59 -25.51 -13.90
C GLU A 54 13.44 -25.34 -12.63
N ASP A 55 14.77 -25.19 -12.70
CA ASP A 55 15.61 -25.17 -11.47
C ASP A 55 16.95 -24.44 -11.63
N GLY A 56 17.31 -23.96 -12.83
CA GLY A 56 18.58 -23.25 -13.05
C GLY A 56 19.80 -24.16 -13.04
N SER A 57 19.60 -25.47 -13.18
CA SER A 57 20.67 -26.50 -13.14
C SER A 57 21.49 -26.46 -14.45
N VAL A 58 20.90 -25.99 -15.55
CA VAL A 58 21.57 -25.95 -16.88
C VAL A 58 21.88 -24.51 -17.28
N ASN A 59 23.10 -24.28 -17.77
CA ASN A 59 23.56 -22.99 -18.34
C ASN A 59 22.84 -22.77 -19.68
N PHE A 60 22.03 -21.72 -19.79
CA PHE A 60 21.34 -21.36 -21.07
C PHE A 60 22.09 -20.24 -21.78
N PHE A 61 23.15 -19.69 -21.20
CA PHE A 61 23.91 -18.58 -21.84
C PHE A 61 24.99 -19.18 -22.74
N ARG A 62 24.53 -19.82 -23.82
CA ARG A 62 25.35 -20.64 -24.74
C ARG A 62 25.42 -19.96 -26.10
N GLY A 63 26.37 -20.39 -26.92
CA GLY A 63 26.63 -19.83 -28.25
C GLY A 63 25.78 -20.48 -29.32
N TRP A 64 25.99 -20.04 -30.56
CA TRP A 64 25.26 -20.44 -31.78
C TRP A 64 25.20 -21.97 -31.92
N ASP A 65 26.35 -22.65 -31.82
CA ASP A 65 26.45 -24.11 -32.09
C ASP A 65 25.56 -24.88 -31.12
N ALA A 66 25.58 -24.52 -29.83
CA ALA A 66 24.75 -25.14 -28.77
C ALA A 66 23.26 -24.92 -29.07
N TYR A 67 22.88 -23.72 -29.53
CA TYR A 67 21.46 -23.40 -29.84
C TYR A 67 21.04 -24.10 -31.13
N ARG A 68 21.97 -24.34 -32.05
CA ARG A 68 21.68 -25.12 -33.28
C ARG A 68 21.48 -26.61 -32.92
N ASP A 69 22.38 -27.17 -32.12
CA ASP A 69 22.52 -28.65 -31.94
C ASP A 69 21.75 -29.12 -30.71
N GLY A 70 21.45 -28.22 -29.77
CA GLY A 70 20.69 -28.54 -28.55
C GLY A 70 21.61 -28.84 -27.37
N PHE A 71 21.05 -28.81 -26.15
CA PHE A 71 21.79 -29.03 -24.89
C PHE A 71 20.81 -29.33 -23.76
N GLY A 72 21.37 -29.79 -22.63
CA GLY A 72 20.59 -30.24 -21.46
C GLY A 72 20.06 -31.64 -21.67
N ARG A 73 19.08 -32.04 -20.86
CA ARG A 73 18.52 -33.41 -20.86
C ARG A 73 17.00 -33.34 -21.00
N LEU A 74 16.44 -34.29 -21.74
CA LEU A 74 15.01 -34.31 -22.13
C LEU A 74 14.12 -34.41 -20.88
N THR A 75 14.63 -35.03 -19.82
CA THR A 75 13.92 -35.27 -18.53
C THR A 75 14.02 -34.03 -17.62
N GLY A 76 14.81 -33.03 -18.00
CA GLY A 76 15.03 -31.81 -17.18
C GLY A 76 15.05 -30.56 -18.03
N GLU A 77 15.89 -29.60 -17.65
CA GLU A 77 16.08 -28.35 -18.41
C GLU A 77 16.80 -28.69 -19.70
N HIS A 78 16.30 -28.19 -20.83
CA HIS A 78 16.91 -28.45 -22.14
C HIS A 78 16.42 -27.46 -23.19
N TRP A 79 17.17 -27.42 -24.28
CA TRP A 79 16.84 -26.78 -25.57
C TRP A 79 17.04 -27.83 -26.65
N LEU A 80 16.00 -28.16 -27.41
CA LEU A 80 16.04 -29.33 -28.33
C LEU A 80 17.04 -29.06 -29.47
N GLY A 81 17.25 -27.79 -29.83
CA GLY A 81 18.13 -27.39 -30.92
C GLY A 81 17.34 -26.90 -32.12
N LEU A 82 17.76 -25.76 -32.68
CA LEU A 82 17.03 -25.10 -33.80
C LEU A 82 16.99 -26.01 -35.03
N LYS A 83 18.00 -26.84 -35.29
CA LYS A 83 17.98 -27.77 -36.46
C LYS A 83 16.81 -28.75 -36.29
N ARG A 84 16.57 -29.25 -35.07
CA ARG A 84 15.44 -30.18 -34.78
C ARG A 84 14.11 -29.43 -34.84
N ILE A 85 14.06 -28.20 -34.32
CA ILE A 85 12.79 -27.39 -34.28
C ILE A 85 12.42 -27.01 -35.72
N HIS A 86 13.40 -26.68 -36.57
CA HIS A 86 13.20 -26.48 -38.02
C HIS A 86 12.64 -27.75 -38.67
N ALA A 87 13.22 -28.93 -38.40
CA ALA A 87 12.82 -30.22 -39.00
C ALA A 87 11.35 -30.52 -38.65
N LEU A 88 10.96 -30.25 -37.41
CA LEU A 88 9.58 -30.51 -36.92
C LEU A 88 8.60 -29.52 -37.58
N THR A 89 8.88 -28.22 -37.51
CA THR A 89 7.88 -27.16 -37.83
C THR A 89 7.71 -26.97 -39.34
N THR A 90 8.61 -27.50 -40.18
CA THR A 90 8.52 -27.40 -41.67
C THR A 90 7.75 -28.58 -42.26
N GLN A 91 7.43 -29.61 -41.48
CA GLN A 91 6.83 -30.87 -42.02
C GLN A 91 5.31 -30.80 -41.96
N ALA A 92 4.75 -29.90 -41.15
CA ALA A 92 3.29 -29.63 -41.05
C ALA A 92 3.09 -28.25 -40.43
N ALA A 93 1.84 -27.79 -40.36
CA ALA A 93 1.42 -26.54 -39.68
C ALA A 93 1.27 -26.80 -38.18
N TYR A 94 2.11 -26.16 -37.35
CA TYR A 94 2.14 -26.39 -35.88
C TYR A 94 1.62 -25.15 -35.13
N GLU A 95 1.03 -25.41 -33.97
CA GLU A 95 0.72 -24.40 -32.93
C GLU A 95 1.78 -24.49 -31.84
N LEU A 96 2.01 -23.39 -31.12
CA LEU A 96 2.95 -23.33 -29.96
C LEU A 96 2.14 -23.18 -28.68
N HIS A 97 2.48 -23.96 -27.66
CA HIS A 97 1.98 -23.79 -26.27
C HIS A 97 3.17 -23.44 -25.36
N VAL A 98 3.02 -22.38 -24.57
CA VAL A 98 4.04 -21.92 -23.58
C VAL A 98 3.41 -21.96 -22.18
N ASP A 99 3.89 -22.85 -21.32
CA ASP A 99 3.49 -22.96 -19.90
C ASP A 99 4.52 -22.22 -19.05
N LEU A 100 4.05 -21.38 -18.13
CA LEU A 100 4.89 -20.57 -17.21
C LEU A 100 4.44 -20.81 -15.76
N GLU A 101 5.38 -20.68 -14.82
CA GLU A 101 5.09 -20.70 -13.36
C GLU A 101 6.00 -19.68 -12.68
N ASP A 102 5.44 -18.90 -11.75
CA ASP A 102 6.20 -17.95 -10.90
C ASP A 102 6.60 -18.69 -9.61
N PHE A 103 7.27 -18.01 -8.68
CA PHE A 103 7.77 -18.64 -7.42
C PHE A 103 6.69 -18.63 -6.34
N GLU A 104 5.47 -18.17 -6.65
CA GLU A 104 4.30 -18.23 -5.74
C GLU A 104 3.34 -19.34 -6.18
N ASN A 105 3.80 -20.23 -7.05
CA ASN A 105 3.03 -21.37 -7.63
C ASN A 105 1.88 -20.85 -8.50
N GLY A 106 1.90 -19.58 -8.88
CA GLY A 106 1.04 -19.05 -9.96
C GLY A 106 1.46 -19.65 -11.30
N THR A 107 0.49 -19.97 -12.16
CA THR A 107 0.73 -20.52 -13.52
C THR A 107 -0.08 -19.71 -14.52
N ALA A 108 0.41 -19.66 -15.76
CA ALA A 108 -0.28 -19.05 -16.92
C ALA A 108 0.28 -19.72 -18.18
N TYR A 109 -0.41 -19.57 -19.30
CA TYR A 109 0.04 -20.12 -20.58
C TYR A 109 -0.25 -19.11 -21.69
N ALA A 110 0.50 -19.23 -22.79
CA ALA A 110 0.23 -18.55 -24.07
C ALA A 110 0.13 -19.63 -25.14
N ARG A 111 -0.90 -19.54 -25.97
CA ARG A 111 -1.13 -20.41 -27.16
C ARG A 111 -1.00 -19.55 -28.41
N TYR A 112 -0.29 -20.05 -29.43
CA TYR A 112 -0.11 -19.39 -30.74
C TYR A 112 -0.59 -20.37 -31.81
N GLY A 113 -1.60 -19.96 -32.60
CA GLY A 113 -2.25 -20.77 -33.63
C GLY A 113 -1.29 -21.21 -34.73
N SER A 114 -0.21 -20.45 -34.96
CA SER A 114 0.84 -20.80 -35.93
C SER A 114 2.22 -20.50 -35.34
N PHE A 115 3.16 -21.41 -35.58
CA PHE A 115 4.57 -21.32 -35.11
C PHE A 115 5.47 -22.07 -36.07
N GLY A 116 6.60 -21.45 -36.43
CA GLY A 116 7.64 -22.09 -37.27
C GLY A 116 8.98 -21.41 -37.13
N VAL A 117 10.03 -22.13 -37.50
CA VAL A 117 11.45 -21.68 -37.45
C VAL A 117 12.07 -21.97 -38.82
N GLY A 118 12.54 -20.92 -39.52
CA GLY A 118 13.15 -20.98 -40.86
C GLY A 118 12.28 -21.72 -41.88
N LEU A 119 10.97 -21.44 -41.89
CA LEU A 119 9.96 -22.26 -42.63
C LEU A 119 10.25 -22.31 -44.14
N PHE A 120 10.82 -21.25 -44.71
CA PHE A 120 11.05 -21.12 -46.17
C PHE A 120 12.54 -20.88 -46.48
N SER A 121 13.39 -21.01 -45.46
CA SER A 121 14.85 -20.74 -45.55
C SER A 121 15.51 -21.89 -46.33
N VAL A 122 16.23 -21.58 -47.40
CA VAL A 122 16.98 -22.60 -48.20
C VAL A 122 17.98 -23.28 -47.28
N ASP A 123 18.76 -22.47 -46.54
CA ASP A 123 19.71 -22.91 -45.48
C ASP A 123 19.25 -22.25 -44.18
N PRO A 124 18.39 -22.92 -43.39
CA PRO A 124 17.84 -22.30 -42.17
C PRO A 124 18.94 -21.79 -41.22
N GLU A 125 20.10 -22.45 -41.16
CA GLU A 125 21.21 -22.01 -40.27
C GLU A 125 21.77 -20.67 -40.76
N GLU A 126 22.06 -20.53 -42.06
CA GLU A 126 22.66 -19.28 -42.61
C GLU A 126 21.62 -18.17 -42.49
N ASP A 127 20.34 -18.49 -42.67
CA ASP A 127 19.22 -17.53 -42.64
C ASP A 127 18.83 -17.18 -41.18
N GLY A 128 19.44 -17.83 -40.19
CA GLY A 128 19.29 -17.47 -38.76
C GLY A 128 17.98 -17.96 -38.15
N TYR A 129 17.41 -19.06 -38.66
CA TYR A 129 16.23 -19.75 -38.07
C TYR A 129 15.12 -18.75 -37.76
N PRO A 130 14.69 -17.93 -38.74
CA PRO A 130 13.74 -16.85 -38.47
C PRO A 130 12.39 -17.37 -37.92
N LEU A 131 11.82 -16.62 -36.97
CA LEU A 131 10.57 -17.00 -36.27
C LEU A 131 9.36 -16.63 -37.12
N THR A 132 8.41 -17.56 -37.27
CA THR A 132 7.01 -17.31 -37.68
C THR A 132 6.11 -17.62 -36.47
N VAL A 133 5.27 -16.67 -36.06
CA VAL A 133 4.34 -16.85 -34.92
C VAL A 133 3.17 -15.88 -35.06
N ALA A 134 1.95 -16.36 -34.86
CA ALA A 134 0.69 -15.59 -35.02
C ALA A 134 -0.41 -16.21 -34.15
N ASP A 135 -1.47 -15.44 -33.91
CA ASP A 135 -2.78 -15.91 -33.39
C ASP A 135 -2.64 -16.30 -31.90
N TYR A 136 -2.44 -15.30 -31.03
CA TYR A 136 -2.31 -15.45 -29.56
C TYR A 136 -3.68 -15.74 -28.93
N SER A 137 -3.69 -16.61 -27.92
CA SER A 137 -4.77 -16.70 -26.89
C SER A 137 -4.18 -17.28 -25.60
N GLY A 138 -4.77 -16.96 -24.44
CA GLY A 138 -4.43 -17.60 -23.15
C GLY A 138 -4.47 -16.64 -22.00
N THR A 139 -3.72 -16.93 -20.93
CA THR A 139 -3.78 -16.24 -19.61
C THR A 139 -2.48 -15.46 -19.33
N ALA A 140 -1.37 -15.80 -19.99
CA ALA A 140 -0.04 -15.18 -19.75
C ALA A 140 0.06 -13.82 -20.45
N GLY A 141 -0.84 -13.52 -21.40
CA GLY A 141 -0.69 -12.38 -22.31
C GLY A 141 0.30 -12.68 -23.40
N ASP A 142 0.35 -11.84 -24.44
CA ASP A 142 1.25 -12.03 -25.61
C ASP A 142 2.57 -11.32 -25.35
N SER A 143 3.68 -12.05 -25.37
CA SER A 143 5.06 -11.51 -25.29
C SER A 143 5.92 -12.07 -26.44
N LEU A 144 5.31 -12.57 -27.52
CA LEU A 144 6.07 -13.20 -28.64
C LEU A 144 5.75 -12.57 -30.00
N LEU A 145 4.55 -12.02 -30.24
CA LEU A 145 4.12 -11.59 -31.59
C LEU A 145 5.06 -10.51 -32.16
N LYS A 146 5.61 -9.62 -31.32
CA LYS A 146 6.55 -8.56 -31.77
C LYS A 146 7.88 -9.18 -32.21
N HIS A 147 8.14 -10.44 -31.87
CA HIS A 147 9.37 -11.19 -32.26
C HIS A 147 9.20 -11.83 -33.64
N SER A 148 7.97 -11.93 -34.16
CA SER A 148 7.69 -12.59 -35.45
C SER A 148 8.54 -11.95 -36.54
N GLY A 149 9.23 -12.77 -37.33
CA GLY A 149 10.06 -12.33 -38.48
C GLY A 149 11.52 -12.17 -38.10
N MET A 150 11.85 -12.19 -36.80
CA MET A 150 13.24 -11.95 -36.34
C MET A 150 14.05 -13.25 -36.49
N ARG A 151 15.32 -13.10 -36.85
CA ARG A 151 16.32 -14.20 -36.84
C ARG A 151 16.68 -14.48 -35.37
N PHE A 152 17.26 -15.65 -35.11
CA PHE A 152 17.74 -16.05 -33.77
C PHE A 152 19.11 -15.44 -33.55
N THR A 153 19.32 -14.79 -32.40
CA THR A 153 20.59 -14.13 -32.00
C THR A 153 21.15 -14.80 -30.74
N THR A 154 22.44 -15.12 -30.77
CA THR A 154 23.24 -15.61 -29.62
C THR A 154 24.35 -14.61 -29.34
N LYS A 155 25.05 -14.78 -28.21
CA LYS A 155 26.14 -13.88 -27.76
C LYS A 155 27.25 -13.81 -28.82
N ASP A 156 27.38 -14.83 -29.67
CA ASP A 156 28.48 -14.93 -30.68
C ASP A 156 27.93 -14.84 -32.11
N ARG A 157 26.65 -14.50 -32.31
CA ARG A 157 26.06 -14.35 -33.67
C ARG A 157 24.86 -13.40 -33.61
N ASP A 158 25.09 -12.14 -34.00
CA ASP A 158 24.14 -11.02 -33.85
C ASP A 158 23.39 -10.81 -35.17
N SER A 159 22.08 -11.11 -35.18
CA SER A 159 21.15 -10.86 -36.32
C SER A 159 19.96 -10.03 -35.84
N ASP A 160 20.11 -9.27 -34.74
CA ASP A 160 19.00 -8.50 -34.12
C ASP A 160 18.97 -7.10 -34.76
N HIS A 161 18.01 -6.27 -34.33
CA HIS A 161 17.78 -4.88 -34.83
C HIS A 161 18.28 -3.87 -33.78
N SER A 162 19.20 -4.27 -32.91
CA SER A 162 19.87 -3.38 -31.93
C SER A 162 21.29 -3.06 -32.41
N GLU A 163 21.82 -1.89 -32.04
CA GLU A 163 23.20 -1.46 -32.36
C GLU A 163 24.19 -2.30 -31.55
N ASN A 164 23.74 -2.91 -30.45
CA ASN A 164 24.54 -3.87 -29.65
C ASN A 164 23.97 -5.29 -29.86
N ASN A 165 24.52 -6.27 -29.15
CA ASN A 165 24.08 -7.69 -29.20
C ASN A 165 23.07 -7.90 -28.07
N CYS A 166 21.80 -8.08 -28.43
CA CYS A 166 20.67 -8.27 -27.45
C CYS A 166 20.93 -9.48 -26.56
N ALA A 167 21.47 -10.57 -27.12
CA ALA A 167 21.76 -11.83 -26.39
C ALA A 167 22.80 -11.55 -25.30
N ALA A 168 23.87 -10.81 -25.62
CA ALA A 168 24.91 -10.40 -24.65
C ALA A 168 24.26 -9.53 -23.59
N PHE A 169 23.48 -8.52 -24.01
CA PHE A 169 22.91 -7.49 -23.11
C PHE A 169 21.91 -8.11 -22.13
N TYR A 170 21.05 -9.02 -22.59
CA TYR A 170 19.95 -9.60 -21.78
C TYR A 170 20.27 -11.06 -21.42
N ARG A 171 21.53 -11.47 -21.64
CA ARG A 171 22.11 -12.74 -21.12
C ARG A 171 21.22 -13.92 -21.48
N GLY A 172 20.82 -14.02 -22.74
CA GLY A 172 20.01 -15.14 -23.24
C GLY A 172 20.31 -15.44 -24.68
N ALA A 173 19.32 -15.99 -25.38
CA ALA A 173 19.38 -16.39 -26.79
C ALA A 173 17.94 -16.44 -27.29
N TRP A 174 17.62 -15.68 -28.33
CA TRP A 174 16.20 -15.44 -28.71
C TRP A 174 16.12 -14.81 -30.10
N TRP A 175 14.89 -14.74 -30.63
CA TRP A 175 14.58 -14.03 -31.88
C TRP A 175 14.46 -12.54 -31.57
N TYR A 176 15.56 -11.94 -31.12
CA TYR A 176 15.60 -10.56 -30.56
C TYR A 176 15.31 -9.55 -31.66
N ARG A 177 14.54 -8.51 -31.31
CA ARG A 177 14.32 -7.32 -32.18
C ARG A 177 15.17 -6.19 -31.61
N ASN A 178 14.64 -5.39 -30.68
CA ASN A 178 15.37 -4.24 -30.07
C ASN A 178 14.77 -3.92 -28.69
N CYS A 179 14.81 -4.86 -27.73
CA CYS A 179 15.39 -6.19 -27.87
C CYS A 179 14.32 -7.28 -27.69
N HIS A 180 13.53 -7.25 -26.62
CA HIS A 180 12.55 -8.35 -26.36
C HIS A 180 11.34 -7.92 -25.54
N THR A 181 10.26 -8.68 -25.69
CA THR A 181 9.10 -8.76 -24.76
C THR A 181 9.14 -10.09 -23.99
N SER A 182 9.85 -11.10 -24.51
CA SER A 182 10.06 -12.40 -23.81
C SER A 182 11.54 -12.79 -23.89
N ASN A 183 12.02 -13.54 -22.90
CA ASN A 183 13.46 -13.90 -22.77
C ASN A 183 13.57 -15.22 -22.00
N LEU A 184 12.90 -16.28 -22.45
CA LEU A 184 12.75 -17.55 -21.67
C LEU A 184 14.07 -18.34 -21.61
N ASN A 185 15.06 -18.01 -22.46
CA ASN A 185 16.41 -18.61 -22.41
C ASN A 185 17.37 -17.70 -21.62
N GLY A 186 16.84 -16.72 -20.88
CA GLY A 186 17.64 -15.80 -20.06
C GLY A 186 18.17 -16.47 -18.80
N GLN A 187 18.86 -15.73 -17.94
CA GLN A 187 19.48 -16.27 -16.69
C GLN A 187 18.39 -16.71 -15.71
N TYR A 188 18.63 -17.80 -14.97
CA TYR A 188 17.73 -18.30 -13.91
C TYR A 188 17.99 -17.49 -12.63
N LEU A 189 17.44 -16.29 -12.56
CA LEU A 189 17.73 -15.29 -11.49
C LEU A 189 16.80 -15.48 -10.29
N ARG A 190 15.78 -16.34 -10.39
CA ARG A 190 14.90 -16.78 -9.27
C ARG A 190 14.06 -15.60 -8.73
N GLY A 191 13.01 -15.23 -9.46
CA GLY A 191 12.00 -14.23 -9.04
C GLY A 191 12.46 -12.80 -9.30
N ALA A 192 12.03 -11.86 -8.45
CA ALA A 192 12.33 -10.42 -8.59
C ALA A 192 13.85 -10.21 -8.61
N HIS A 193 14.33 -9.34 -9.50
CA HIS A 193 15.78 -9.01 -9.63
C HIS A 193 15.93 -7.53 -10.02
N ALA A 194 16.99 -6.90 -9.53
CA ALA A 194 17.34 -5.49 -9.77
C ALA A 194 17.78 -5.29 -11.23
N SER A 195 18.52 -6.27 -11.78
CA SER A 195 19.03 -6.22 -13.18
C SER A 195 17.83 -6.11 -14.14
N TYR A 196 18.01 -5.43 -15.27
CA TYR A 196 16.91 -5.12 -16.22
C TYR A 196 16.79 -6.24 -17.26
N ALA A 197 15.68 -7.00 -17.20
CA ALA A 197 15.12 -7.84 -18.28
C ALA A 197 16.09 -8.93 -18.74
N ASP A 198 16.97 -9.42 -17.87
CA ASP A 198 18.03 -10.40 -18.24
C ASP A 198 17.80 -11.74 -17.55
N GLY A 199 16.60 -11.97 -17.00
CA GLY A 199 16.20 -13.26 -16.43
C GLY A 199 15.24 -14.01 -17.35
N VAL A 200 14.55 -15.01 -16.83
CA VAL A 200 13.51 -15.80 -17.59
C VAL A 200 12.23 -14.94 -17.62
N GLU A 201 12.16 -14.00 -18.56
CA GLU A 201 11.13 -12.92 -18.58
C GLU A 201 10.00 -13.29 -19.55
N TRP A 202 8.76 -13.05 -19.12
CA TRP A 202 7.56 -12.97 -19.99
C TRP A 202 6.83 -11.67 -19.62
N SER A 203 7.17 -10.59 -20.31
CA SER A 203 6.89 -9.19 -19.88
C SER A 203 5.38 -8.99 -19.66
N SER A 204 4.54 -9.61 -20.51
CA SER A 204 3.06 -9.42 -20.50
C SER A 204 2.44 -9.98 -19.21
N TRP A 205 3.11 -10.91 -18.52
CA TRP A 205 2.58 -11.56 -17.28
C TRP A 205 3.23 -10.94 -16.04
N THR A 206 4.57 -10.95 -15.98
CA THR A 206 5.36 -10.68 -14.74
C THR A 206 6.37 -9.54 -14.98
N GLY A 207 6.32 -8.86 -16.12
CA GLY A 207 7.12 -7.65 -16.38
C GLY A 207 8.57 -7.95 -16.75
N TRP A 208 9.45 -6.98 -16.51
CA TRP A 208 10.83 -6.91 -17.04
C TRP A 208 11.86 -7.27 -15.97
N GLN A 209 11.42 -7.46 -14.72
CA GLN A 209 12.34 -7.69 -13.58
C GLN A 209 11.81 -8.83 -12.72
N TYR A 210 11.35 -9.91 -13.36
CA TYR A 210 10.91 -11.14 -12.68
C TYR A 210 11.30 -12.38 -13.50
N SER A 211 12.27 -13.13 -13.00
CA SER A 211 12.75 -14.41 -13.59
C SER A 211 11.84 -15.54 -13.12
N LEU A 212 11.10 -16.14 -14.05
CA LEU A 212 10.09 -17.18 -13.74
C LEU A 212 10.77 -18.45 -13.24
N LYS A 213 10.03 -19.28 -12.52
CA LYS A 213 10.52 -20.56 -11.95
C LYS A 213 10.51 -21.64 -13.03
N PHE A 214 9.48 -21.68 -13.87
CA PHE A 214 9.24 -22.77 -14.86
C PHE A 214 8.77 -22.17 -16.17
N SER A 215 9.34 -22.65 -17.27
CA SER A 215 8.83 -22.41 -18.65
C SER A 215 8.90 -23.73 -19.40
N GLU A 216 7.92 -23.98 -20.27
CA GLU A 216 7.96 -25.11 -21.22
C GLU A 216 7.37 -24.60 -22.52
N MET A 217 8.09 -24.79 -23.62
CA MET A 217 7.67 -24.40 -24.98
C MET A 217 7.51 -25.70 -25.77
N LYS A 218 6.35 -25.91 -26.38
CA LYS A 218 6.01 -27.22 -27.00
C LYS A 218 5.10 -26.98 -28.20
N ILE A 219 5.10 -27.92 -29.15
CA ILE A 219 4.41 -27.74 -30.46
C ILE A 219 3.53 -28.95 -30.74
N ARG A 220 2.47 -28.73 -31.51
CA ARG A 220 1.53 -29.79 -31.95
C ARG A 220 0.93 -29.37 -33.28
N PRO A 221 0.74 -30.30 -34.24
CA PRO A 221 0.10 -29.94 -35.51
C PRO A 221 -1.34 -29.47 -35.25
N VAL A 222 -1.80 -28.44 -35.95
CA VAL A 222 -3.21 -27.97 -35.91
C VAL A 222 -4.06 -28.96 -36.70
N SER B 4 -19.88 -2.16 31.45
CA SER B 4 -18.65 -2.86 31.98
C SER B 4 -17.43 -1.95 31.77
N ARG B 5 -17.08 -1.67 30.50
CA ARG B 5 -15.93 -0.81 30.13
C ARG B 5 -16.38 0.25 29.11
N PRO B 6 -17.20 1.23 29.54
CA PRO B 6 -17.56 2.34 28.65
C PRO B 6 -16.31 3.14 28.27
N ARG B 7 -16.20 3.57 27.01
CA ARG B 7 -15.00 4.27 26.48
C ARG B 7 -15.10 5.77 26.76
N ASP B 8 -16.29 6.25 27.15
CA ASP B 8 -16.58 7.70 27.38
C ASP B 8 -17.99 7.84 27.98
N CYS B 9 -18.40 9.07 28.26
CA CYS B 9 -19.69 9.38 28.93
C CYS B 9 -20.87 9.01 28.04
N LEU B 10 -20.71 8.90 26.72
CA LEU B 10 -21.83 8.49 25.84
C LEU B 10 -22.14 7.01 26.09
N ASP B 11 -21.11 6.16 26.16
CA ASP B 11 -21.26 4.73 26.52
C ASP B 11 -21.96 4.65 27.89
N VAL B 12 -21.55 5.51 28.83
CA VAL B 12 -22.13 5.53 30.21
C VAL B 12 -23.63 5.83 30.12
N LEU B 13 -24.01 6.87 29.36
CA LEU B 13 -25.43 7.29 29.20
C LEU B 13 -26.24 6.13 28.61
N LEU B 14 -25.80 5.60 27.47
CA LEU B 14 -26.57 4.59 26.70
C LEU B 14 -26.66 3.28 27.50
N SER B 15 -25.75 3.04 28.45
CA SER B 15 -25.80 1.88 29.39
C SER B 15 -26.92 2.08 30.42
N GLY B 16 -27.49 3.29 30.53
CA GLY B 16 -28.67 3.60 31.36
C GLY B 16 -28.35 4.44 32.59
N GLN B 17 -27.16 5.03 32.67
CA GLN B 17 -26.78 6.00 33.73
C GLN B 17 -27.16 7.41 33.26
N GLN B 18 -28.27 7.97 33.77
CA GLN B 18 -28.87 9.23 33.24
C GLN B 18 -28.46 10.43 34.11
N ASP B 19 -27.85 10.23 35.27
CA ASP B 19 -27.51 11.33 36.21
C ASP B 19 -26.16 11.95 35.85
N ASP B 20 -26.09 13.28 35.85
CA ASP B 20 -24.81 14.03 35.88
C ASP B 20 -23.95 13.50 37.04
N GLY B 21 -22.63 13.43 36.84
CA GLY B 21 -21.68 13.13 37.92
C GLY B 21 -20.43 12.43 37.43
N VAL B 22 -19.73 11.79 38.36
CA VAL B 22 -18.37 11.20 38.13
C VAL B 22 -18.54 9.72 37.82
N TYR B 23 -17.95 9.28 36.71
CA TYR B 23 -17.97 7.88 36.24
C TYR B 23 -16.58 7.47 35.76
N SER B 24 -16.33 6.17 35.78
CA SER B 24 -15.11 5.52 35.23
C SER B 24 -15.31 5.31 33.74
N VAL B 25 -14.31 5.70 32.93
CA VAL B 25 -14.27 5.46 31.46
C VAL B 25 -12.92 4.80 31.13
N PHE B 26 -12.87 4.11 29.99
CA PHE B 26 -11.73 3.21 29.64
C PHE B 26 -11.42 3.39 28.16
N PRO B 27 -10.65 4.45 27.79
CA PRO B 27 -10.31 4.69 26.39
C PRO B 27 -9.51 3.53 25.79
N THR B 28 -9.60 3.37 24.47
CA THR B 28 -9.00 2.25 23.69
C THR B 28 -7.53 2.05 24.07
N HIS B 29 -6.73 3.11 24.11
CA HIS B 29 -5.26 3.03 24.34
C HIS B 29 -4.89 3.53 25.75
N TYR B 30 -5.87 3.63 26.65
CA TYR B 30 -5.68 3.95 28.09
C TYR B 30 -6.50 2.96 28.91
N PRO B 31 -6.17 1.65 28.83
CA PRO B 31 -7.08 0.60 29.33
C PRO B 31 -7.20 0.59 30.87
N ALA B 32 -6.24 1.16 31.59
CA ALA B 32 -6.35 1.40 33.05
C ALA B 32 -7.61 2.24 33.30
N GLY B 33 -7.93 3.14 32.38
CA GLY B 33 -9.08 4.05 32.48
C GLY B 33 -8.86 5.09 33.57
N PHE B 34 -9.87 5.91 33.81
CA PHE B 34 -9.83 7.01 34.80
C PHE B 34 -11.24 7.52 34.99
N GLN B 35 -11.43 8.40 35.97
CA GLN B 35 -12.74 9.01 36.28
C GLN B 35 -12.85 10.35 35.56
N VAL B 36 -14.06 10.66 35.10
CA VAL B 36 -14.40 11.95 34.43
C VAL B 36 -15.73 12.44 35.00
N TYR B 37 -16.03 13.73 34.80
CA TYR B 37 -17.39 14.27 35.04
C TYR B 37 -18.18 14.11 33.74
N CYS B 38 -19.37 13.51 33.84
CA CYS B 38 -20.30 13.29 32.69
C CYS B 38 -21.46 14.29 32.79
N ASP B 39 -21.71 15.01 31.70
CA ASP B 39 -22.89 15.88 31.51
C ASP B 39 -23.92 15.08 30.72
N MET B 40 -24.98 14.65 31.40
CA MET B 40 -26.03 13.78 30.83
C MET B 40 -27.28 14.59 30.47
N ARG B 41 -27.18 15.93 30.38
CA ARG B 41 -28.35 16.82 30.13
C ARG B 41 -28.19 17.57 28.80
N THR B 42 -27.00 18.11 28.49
CA THR B 42 -26.79 19.03 27.35
C THR B 42 -27.05 18.32 26.01
N ASP B 43 -27.98 18.86 25.21
CA ASP B 43 -28.34 18.34 23.87
C ASP B 43 -28.50 16.81 23.90
N GLY B 44 -29.16 16.27 24.93
CA GLY B 44 -29.46 14.84 25.03
C GLY B 44 -28.45 14.08 25.87
N GLY B 45 -27.32 14.70 26.22
CA GLY B 45 -26.36 14.17 27.21
C GLY B 45 -25.27 13.31 26.57
N GLY B 46 -24.41 12.73 27.40
CA GLY B 46 -23.31 11.84 26.96
C GLY B 46 -22.02 12.61 26.71
N TRP B 47 -21.85 13.78 27.34
CA TRP B 47 -20.65 14.64 27.20
C TRP B 47 -19.62 14.32 28.28
N THR B 48 -18.36 14.14 27.87
CA THR B 48 -17.21 13.97 28.78
C THR B 48 -16.57 15.33 28.99
N VAL B 49 -16.61 15.85 30.22
CA VAL B 49 -16.01 17.17 30.58
C VAL B 49 -14.49 17.00 30.66
N PHE B 50 -13.72 17.95 30.13
CA PHE B 50 -12.25 18.01 30.33
C PHE B 50 -11.80 19.35 30.91
N GLN B 51 -12.68 20.37 31.02
CA GLN B 51 -12.30 21.69 31.59
C GLN B 51 -13.53 22.31 32.27
N ARG B 52 -13.35 22.87 33.46
CA ARG B 52 -14.41 23.63 34.17
C ARG B 52 -13.78 24.81 34.92
N ARG B 53 -14.35 26.00 34.73
CA ARG B 53 -14.18 27.19 35.60
C ARG B 53 -15.54 27.51 36.21
N GLU B 54 -15.60 27.92 37.48
CA GLU B 54 -16.89 28.31 38.12
C GLU B 54 -16.71 29.26 39.32
N ASP B 55 -15.51 29.44 39.87
CA ASP B 55 -15.38 30.23 41.14
C ASP B 55 -13.97 30.74 41.42
N GLY B 56 -12.95 30.42 40.60
CA GLY B 56 -11.57 30.89 40.81
C GLY B 56 -10.86 30.19 41.97
N SER B 57 -11.39 29.07 42.46
CA SER B 57 -10.83 28.29 43.60
C SER B 57 -9.50 27.62 43.21
N VAL B 58 -9.30 27.31 41.94
CA VAL B 58 -8.14 26.50 41.43
C VAL B 58 -7.23 27.41 40.60
N ASN B 59 -5.91 27.27 40.80
CA ASN B 59 -4.87 27.99 40.02
C ASN B 59 -4.74 27.31 38.66
N PHE B 60 -5.02 28.04 37.57
CA PHE B 60 -4.90 27.55 36.17
C PHE B 60 -3.59 28.02 35.54
N PHE B 61 -2.83 28.87 36.23
CA PHE B 61 -1.52 29.36 35.70
C PHE B 61 -0.44 28.32 36.04
N ARG B 62 -0.60 27.15 35.42
CA ARG B 62 0.21 25.93 35.68
C ARG B 62 1.12 25.67 34.47
N GLY B 63 2.16 24.87 34.69
CA GLY B 63 3.17 24.55 33.67
C GLY B 63 2.80 23.35 32.82
N TRP B 64 3.71 22.97 31.95
CA TRP B 64 3.55 21.90 30.95
C TRP B 64 3.09 20.58 31.62
N ASP B 65 3.82 20.10 32.63
CA ASP B 65 3.56 18.78 33.28
C ASP B 65 2.12 18.74 33.82
N ALA B 66 1.67 19.83 34.44
CA ALA B 66 0.32 19.98 35.02
C ALA B 66 -0.73 19.90 33.92
N TYR B 67 -0.51 20.56 32.78
CA TYR B 67 -1.50 20.57 31.67
C TYR B 67 -1.48 19.20 30.96
N ARG B 68 -0.38 18.47 31.04
CA ARG B 68 -0.30 17.08 30.51
C ARG B 68 -1.09 16.13 31.44
N ASP B 69 -0.82 16.18 32.75
CA ASP B 69 -1.26 15.16 33.73
C ASP B 69 -2.62 15.52 34.34
N GLY B 70 -3.03 16.79 34.27
CA GLY B 70 -4.32 17.28 34.79
C GLY B 70 -4.19 17.82 36.21
N PHE B 71 -5.20 18.58 36.67
CA PHE B 71 -5.20 19.19 38.02
C PHE B 71 -6.64 19.59 38.40
N GLY B 72 -6.84 19.90 39.67
CA GLY B 72 -8.15 20.27 40.24
C GLY B 72 -8.96 19.03 40.56
N ARG B 73 -10.27 19.22 40.77
CA ARG B 73 -11.19 18.13 41.21
C ARG B 73 -12.34 18.03 40.22
N LEU B 74 -12.75 16.80 39.92
CA LEU B 74 -13.76 16.46 38.89
C LEU B 74 -15.10 17.11 39.21
N THR B 75 -15.41 17.30 40.50
CA THR B 75 -16.68 17.87 41.01
C THR B 75 -16.61 19.40 41.05
N GLY B 76 -15.45 20.01 40.76
CA GLY B 76 -15.31 21.47 40.73
C GLY B 76 -14.49 21.93 39.54
N GLU B 77 -13.66 22.95 39.74
CA GLU B 77 -12.75 23.47 38.71
C GLU B 77 -11.67 22.42 38.45
N HIS B 78 -11.43 22.11 37.17
CA HIS B 78 -10.38 21.12 36.82
C HIS B 78 -9.96 21.25 35.36
N TRP B 79 -8.83 20.62 35.07
CA TRP B 79 -8.30 20.33 33.73
C TRP B 79 -7.97 18.84 33.68
N LEU B 80 -8.62 18.06 32.81
CA LEU B 80 -8.54 16.59 32.85
C LEU B 80 -7.12 16.11 32.52
N GLY B 81 -6.36 16.90 31.76
CA GLY B 81 -5.00 16.55 31.32
C GLY B 81 -4.97 16.19 29.83
N LEU B 82 -4.00 16.73 29.10
CA LEU B 82 -3.88 16.56 27.63
C LEU B 82 -3.63 15.08 27.29
N LYS B 83 -2.93 14.33 28.15
CA LYS B 83 -2.71 12.88 27.92
C LYS B 83 -4.08 12.17 27.90
N ARG B 84 -5.02 12.56 28.78
CA ARG B 84 -6.37 11.95 28.83
C ARG B 84 -7.20 12.44 27.64
N ILE B 85 -7.11 13.73 27.29
CA ILE B 85 -7.89 14.34 26.17
C ILE B 85 -7.41 13.70 24.85
N HIS B 86 -6.11 13.47 24.72
CA HIS B 86 -5.53 12.70 23.58
C HIS B 86 -6.12 11.29 23.54
N ALA B 87 -6.08 10.54 24.64
CA ALA B 87 -6.58 9.13 24.71
C ALA B 87 -8.05 9.09 24.30
N LEU B 88 -8.86 10.08 24.71
CA LEU B 88 -10.30 10.14 24.38
C LEU B 88 -10.46 10.47 22.89
N THR B 89 -9.87 11.56 22.40
CA THR B 89 -10.19 12.14 21.07
C THR B 89 -9.60 11.31 19.92
N THR B 90 -8.66 10.40 20.19
CA THR B 90 -8.04 9.52 19.15
C THR B 90 -8.83 8.22 18.95
N GLN B 91 -9.74 7.84 19.86
CA GLN B 91 -10.43 6.53 19.84
C GLN B 91 -11.69 6.58 18.95
N ALA B 92 -12.19 7.77 18.63
CA ALA B 92 -13.37 7.99 17.74
C ALA B 92 -13.35 9.45 17.27
N ALA B 93 -14.30 9.83 16.41
CA ALA B 93 -14.48 11.22 15.92
C ALA B 93 -15.39 11.96 16.90
N TYR B 94 -14.86 12.96 17.62
CA TYR B 94 -15.60 13.70 18.68
C TYR B 94 -15.99 15.09 18.19
N GLU B 95 -17.12 15.57 18.70
CA GLU B 95 -17.54 17.00 18.67
C GLU B 95 -17.18 17.62 20.03
N LEU B 96 -16.96 18.93 20.02
CA LEU B 96 -16.67 19.74 21.22
C LEU B 96 -17.87 20.66 21.49
N HIS B 97 -18.30 20.74 22.75
CA HIS B 97 -19.28 21.71 23.25
C HIS B 97 -18.60 22.58 24.30
N VAL B 98 -18.75 23.90 24.16
CA VAL B 98 -18.23 24.91 25.13
C VAL B 98 -19.44 25.66 25.69
N ASP B 99 -19.72 25.50 27.00
CA ASP B 99 -20.79 26.25 27.73
C ASP B 99 -20.14 27.41 28.49
N LEU B 100 -20.76 28.59 28.39
CA LEU B 100 -20.24 29.85 28.97
C LEU B 100 -21.37 30.54 29.74
N GLU B 101 -21.00 31.27 30.80
CA GLU B 101 -21.93 32.09 31.62
C GLU B 101 -21.18 33.34 32.09
N ASP B 102 -21.84 34.50 32.04
CA ASP B 102 -21.30 35.78 32.55
C ASP B 102 -21.77 35.94 34.00
N PHE B 103 -21.54 37.11 34.61
CA PHE B 103 -21.93 37.38 36.03
C PHE B 103 -23.31 38.05 36.08
N GLU B 104 -24.08 38.02 34.99
CA GLU B 104 -25.41 38.67 34.88
C GLU B 104 -26.45 37.65 34.37
N ASN B 105 -26.28 36.37 34.70
CA ASN B 105 -27.23 35.26 34.38
C ASN B 105 -27.37 35.09 32.87
N GLY B 106 -26.41 35.57 32.08
CA GLY B 106 -26.33 35.33 30.63
C GLY B 106 -25.60 34.03 30.34
N THR B 107 -26.08 33.24 29.38
CA THR B 107 -25.43 31.98 28.94
C THR B 107 -25.32 31.97 27.42
N ALA B 108 -24.29 31.31 26.91
CA ALA B 108 -24.05 31.07 25.47
C ALA B 108 -23.24 29.77 25.33
N TYR B 109 -23.20 29.21 24.12
CA TYR B 109 -22.40 28.01 23.81
C TYR B 109 -21.77 28.15 22.42
N ALA B 110 -20.68 27.41 22.21
CA ALA B 110 -20.08 27.14 20.88
C ALA B 110 -19.97 25.62 20.72
N ARG B 111 -20.41 25.11 19.57
CA ARG B 111 -20.29 23.67 19.19
C ARG B 111 -19.35 23.58 18.00
N TYR B 112 -18.44 22.60 18.03
CA TYR B 112 -17.50 22.27 16.93
C TYR B 112 -17.73 20.80 16.55
N GLY B 113 -18.09 20.55 15.29
CA GLY B 113 -18.42 19.21 14.78
C GLY B 113 -17.20 18.29 14.74
N SER B 114 -16.00 18.86 14.82
CA SER B 114 -14.71 18.11 14.80
C SER B 114 -13.78 18.69 15.86
N PHE B 115 -13.23 17.84 16.73
CA PHE B 115 -12.27 18.24 17.79
C PHE B 115 -11.34 17.07 18.12
N GLY B 116 -10.05 17.37 18.19
CA GLY B 116 -9.01 16.39 18.55
C GLY B 116 -7.75 17.07 19.03
N VAL B 117 -6.92 16.33 19.77
CA VAL B 117 -5.62 16.80 20.30
C VAL B 117 -4.56 15.75 19.97
N GLY B 118 -3.50 16.14 19.25
CA GLY B 118 -2.40 15.26 18.79
C GLY B 118 -2.88 14.09 17.96
N LEU B 119 -3.90 14.26 17.13
CA LEU B 119 -4.71 13.16 16.52
C LEU B 119 -3.88 12.07 15.82
N PHE B 120 -2.83 12.42 15.08
CA PHE B 120 -2.01 11.45 14.29
C PHE B 120 -0.55 11.48 14.75
N SER B 121 -0.28 12.15 15.87
CA SER B 121 1.08 12.31 16.43
C SER B 121 1.57 10.96 16.96
N VAL B 122 2.76 10.53 16.53
CA VAL B 122 3.41 9.31 17.08
C VAL B 122 3.77 9.58 18.54
N ASP B 123 4.30 10.79 18.82
CA ASP B 123 4.57 11.28 20.19
C ASP B 123 3.80 12.57 20.39
N PRO B 124 2.52 12.50 20.83
CA PRO B 124 1.68 13.69 20.94
C PRO B 124 2.24 14.73 21.93
N GLU B 125 2.91 14.30 23.00
CA GLU B 125 3.53 15.25 23.98
C GLU B 125 4.63 16.04 23.26
N GLU B 126 5.57 15.37 22.61
CA GLU B 126 6.68 16.05 21.88
C GLU B 126 6.08 17.00 20.83
N ASP B 127 5.01 16.56 20.16
CA ASP B 127 4.32 17.32 19.06
C ASP B 127 3.50 18.47 19.65
N GLY B 128 3.37 18.54 20.98
CA GLY B 128 2.72 19.66 21.68
C GLY B 128 1.20 19.57 21.63
N TYR B 129 0.65 18.36 21.50
CA TYR B 129 -0.81 18.09 21.56
C TYR B 129 -1.54 19.08 20.65
N PRO B 130 -1.18 19.15 19.34
CA PRO B 130 -1.76 20.16 18.44
C PRO B 130 -3.28 20.03 18.31
N LEU B 131 -3.97 21.16 18.23
CA LEU B 131 -5.45 21.25 18.19
C LEU B 131 -5.96 20.95 16.77
N THR B 132 -6.92 20.04 16.65
CA THR B 132 -7.82 19.91 15.47
C THR B 132 -9.20 20.43 15.91
N VAL B 133 -9.76 21.39 15.18
CA VAL B 133 -11.13 21.92 15.48
C VAL B 133 -11.72 22.51 14.20
N ALA B 134 -12.99 22.22 13.94
CA ALA B 134 -13.70 22.63 12.70
C ALA B 134 -15.22 22.60 12.93
N ASP B 135 -15.95 23.29 12.06
CA ASP B 135 -17.43 23.17 11.91
C ASP B 135 -18.11 23.80 13.12
N TYR B 136 -18.01 25.13 13.25
CA TYR B 136 -18.62 25.93 14.34
C TYR B 136 -20.12 26.17 14.09
N SER B 137 -20.91 26.06 15.14
CA SER B 137 -22.25 26.69 15.27
C SER B 137 -22.48 26.99 16.74
N GLY B 138 -23.24 28.05 17.04
CA GLY B 138 -23.59 28.38 18.44
C GLY B 138 -24.07 29.81 18.59
N THR B 139 -24.21 30.24 19.85
CA THR B 139 -24.72 31.56 20.27
C THR B 139 -23.59 32.40 20.87
N ALA B 140 -22.42 31.81 21.16
CA ALA B 140 -21.27 32.51 21.79
C ALA B 140 -20.40 33.15 20.71
N GLY B 141 -20.66 32.83 19.43
CA GLY B 141 -19.74 33.16 18.34
C GLY B 141 -18.50 32.27 18.40
N ASP B 142 -17.75 32.21 17.32
CA ASP B 142 -16.54 31.36 17.21
C ASP B 142 -15.33 32.13 17.75
N SER B 143 -14.68 31.62 18.79
CA SER B 143 -13.39 32.13 19.30
C SER B 143 -12.33 31.02 19.34
N LEU B 144 -12.50 29.93 18.57
CA LEU B 144 -11.56 28.77 18.60
C LEU B 144 -10.97 28.41 17.24
N LEU B 145 -11.65 28.62 16.11
CA LEU B 145 -11.18 28.11 14.78
C LEU B 145 -9.80 28.68 14.43
N LYS B 146 -9.50 29.91 14.84
CA LYS B 146 -8.20 30.57 14.55
C LYS B 146 -7.06 29.86 15.29
N HIS B 147 -7.40 29.05 16.31
CA HIS B 147 -6.43 28.25 17.11
C HIS B 147 -6.16 26.89 16.47
N SER B 148 -6.93 26.49 15.45
CA SER B 148 -6.77 25.17 14.78
C SER B 148 -5.35 25.04 14.22
N GLY B 149 -4.70 23.90 14.45
CA GLY B 149 -3.34 23.62 13.98
C GLY B 149 -2.26 24.06 14.95
N MET B 150 -2.60 24.83 15.99
CA MET B 150 -1.61 25.34 16.97
C MET B 150 -1.29 24.26 17.99
N ARG B 151 -0.03 24.20 18.43
CA ARG B 151 0.43 23.36 19.56
C ARG B 151 -0.03 24.04 20.85
N PHE B 152 -0.03 23.29 21.96
CA PHE B 152 -0.39 23.81 23.30
C PHE B 152 0.84 24.51 23.87
N THR B 153 0.65 25.72 24.41
CA THR B 153 1.73 26.56 24.97
C THR B 153 1.41 26.85 26.43
N THR B 154 2.40 26.65 27.30
CA THR B 154 2.35 26.98 28.74
C THR B 154 3.48 27.99 29.04
N LYS B 155 3.45 28.55 30.25
CA LYS B 155 4.42 29.57 30.73
C LYS B 155 5.85 29.03 30.63
N ASP B 156 6.04 27.71 30.61
CA ASP B 156 7.39 27.06 30.63
C ASP B 156 7.66 26.26 29.34
N ARG B 157 6.77 26.31 28.33
CA ARG B 157 7.01 25.65 27.03
C ARG B 157 6.30 26.43 25.92
N ASP B 158 7.08 27.25 25.19
CA ASP B 158 6.58 28.21 24.18
C ASP B 158 6.58 27.51 22.81
N SER B 159 5.40 27.26 22.24
CA SER B 159 5.23 26.67 20.88
C SER B 159 4.32 27.55 20.01
N ASP B 160 4.11 28.81 20.40
CA ASP B 160 3.13 29.71 19.76
C ASP B 160 3.80 30.44 18.59
N HIS B 161 3.09 31.38 17.95
CA HIS B 161 3.56 32.14 16.77
C HIS B 161 3.79 33.61 17.15
N SER B 162 4.02 33.88 18.44
CA SER B 162 4.32 35.21 19.01
C SER B 162 5.81 35.32 19.32
N GLU B 163 6.34 36.55 19.24
CA GLU B 163 7.69 36.94 19.73
C GLU B 163 7.78 36.69 21.24
N ASN B 164 6.64 36.82 21.94
CA ASN B 164 6.48 36.60 23.39
C ASN B 164 6.04 35.15 23.68
N ASN B 165 5.96 34.81 24.96
CA ASN B 165 5.24 33.61 25.45
C ASN B 165 3.80 34.04 25.73
N CYS B 166 2.86 33.64 24.86
CA CYS B 166 1.42 34.00 24.96
C CYS B 166 0.87 33.55 26.32
N ALA B 167 1.31 32.41 26.85
CA ALA B 167 0.80 31.83 28.12
C ALA B 167 1.18 32.76 29.29
N ALA B 168 2.43 33.21 29.36
CA ALA B 168 2.92 34.18 30.37
C ALA B 168 2.17 35.51 30.21
N PHE B 169 2.06 36.01 28.98
CA PHE B 169 1.52 37.35 28.66
C PHE B 169 0.04 37.41 29.05
N TYR B 170 -0.76 36.40 28.68
CA TYR B 170 -2.23 36.36 28.92
C TYR B 170 -2.56 35.41 30.08
N ARG B 171 -1.54 35.03 30.87
CA ARG B 171 -1.69 34.39 32.20
C ARG B 171 -2.61 33.17 32.09
N GLY B 172 -2.36 32.32 31.10
CA GLY B 172 -3.14 31.10 30.88
C GLY B 172 -2.31 29.98 30.31
N ALA B 173 -2.98 29.11 29.55
CA ALA B 173 -2.39 27.96 28.85
C ALA B 173 -3.40 27.56 27.80
N TRP B 174 -2.97 27.39 26.55
CA TRP B 174 -3.89 27.33 25.39
C TRP B 174 -3.11 26.97 24.14
N TRP B 175 -3.83 26.63 23.08
CA TRP B 175 -3.27 26.44 21.72
C TRP B 175 -3.07 27.83 21.09
N TYR B 176 -2.21 28.65 21.70
CA TYR B 176 -2.00 30.07 21.33
C TYR B 176 -1.41 30.18 19.92
N ARG B 177 -1.85 31.22 19.19
CA ARG B 177 -1.27 31.62 17.89
C ARG B 177 -0.47 32.92 18.12
N ASN B 178 -1.10 34.08 18.00
CA ASN B 178 -0.40 35.40 18.12
C ASN B 178 -1.38 36.50 18.54
N CYS B 179 -2.07 36.35 19.68
CA CYS B 179 -1.93 35.23 20.60
C CYS B 179 -3.24 34.44 20.68
N HIS B 180 -4.40 35.07 20.85
CA HIS B 180 -5.66 34.32 21.10
C HIS B 180 -6.93 35.11 20.73
N THR B 181 -8.02 34.36 20.52
CA THR B 181 -9.44 34.84 20.51
C THR B 181 -10.19 34.24 21.72
N SER B 182 -9.70 33.12 22.28
CA SER B 182 -10.24 32.51 23.52
C SER B 182 -9.11 32.23 24.51
N ASN B 183 -9.39 32.26 25.81
CA ASN B 183 -8.38 32.13 26.89
C ASN B 183 -9.07 31.54 28.14
N LEU B 184 -9.78 30.42 27.99
CA LEU B 184 -10.67 29.89 29.05
C LEU B 184 -9.85 29.35 30.23
N ASN B 185 -8.53 29.17 30.07
CA ASN B 185 -7.61 28.76 31.16
C ASN B 185 -6.89 29.99 31.75
N GLY B 186 -7.39 31.21 31.46
CA GLY B 186 -6.81 32.46 31.98
C GLY B 186 -7.16 32.72 33.43
N GLN B 187 -6.75 33.88 33.95
CA GLN B 187 -6.96 34.24 35.38
C GLN B 187 -8.46 34.45 35.63
N TYR B 188 -8.95 34.04 36.80
CA TYR B 188 -10.36 34.24 37.20
C TYR B 188 -10.50 35.67 37.73
N LEU B 189 -10.66 36.65 36.84
CA LEU B 189 -10.62 38.09 37.19
C LEU B 189 -12.02 38.61 37.53
N ARG B 190 -13.06 37.79 37.37
CA ARG B 190 -14.46 38.03 37.82
C ARG B 190 -15.06 39.26 37.10
N GLY B 191 -15.49 39.07 35.84
CA GLY B 191 -16.23 40.08 35.06
C GLY B 191 -15.30 41.15 34.49
N ALA B 192 -15.75 42.40 34.45
CA ALA B 192 -15.03 43.52 33.80
C ALA B 192 -13.67 43.70 34.50
N HIS B 193 -12.60 43.82 33.71
CA HIS B 193 -11.22 44.08 34.20
C HIS B 193 -10.50 45.04 33.26
N ALA B 194 -9.55 45.81 33.80
CA ALA B 194 -8.79 46.86 33.08
C ALA B 194 -7.67 46.21 32.24
N SER B 195 -7.02 45.15 32.77
CA SER B 195 -5.98 44.38 32.08
C SER B 195 -6.56 43.81 30.77
N TYR B 196 -5.74 43.68 29.74
CA TYR B 196 -6.17 43.29 28.38
C TYR B 196 -6.10 41.76 28.21
N ALA B 197 -7.26 41.11 28.13
CA ALA B 197 -7.47 39.77 27.53
C ALA B 197 -6.71 38.67 28.31
N ASP B 198 -6.48 38.85 29.61
CA ASP B 198 -5.67 37.91 30.43
C ASP B 198 -6.56 37.20 31.46
N GLY B 199 -7.89 37.33 31.32
CA GLY B 199 -8.88 36.60 32.15
C GLY B 199 -9.42 35.39 31.41
N VAL B 200 -10.57 34.87 31.86
CA VAL B 200 -11.32 33.76 31.22
C VAL B 200 -12.12 34.37 30.06
N GLU B 201 -11.48 34.55 28.90
CA GLU B 201 -12.03 35.37 27.77
C GLU B 201 -12.62 34.44 26.70
N TRP B 202 -13.79 34.80 26.17
CA TRP B 202 -14.32 34.30 24.89
C TRP B 202 -14.66 35.53 24.04
N SER B 203 -13.71 35.99 23.23
CA SER B 203 -13.71 37.36 22.65
C SER B 203 -14.98 37.61 21.82
N SER B 204 -15.47 36.60 21.09
CA SER B 204 -16.65 36.72 20.19
C SER B 204 -17.92 36.97 20.99
N TRP B 205 -17.98 36.58 22.27
CA TRP B 205 -19.19 36.78 23.12
C TRP B 205 -19.03 38.05 23.96
N THR B 206 -18.05 38.09 24.88
CA THR B 206 -17.97 39.13 25.94
C THR B 206 -16.72 40.01 25.74
N GLY B 207 -15.98 39.86 24.64
CA GLY B 207 -14.88 40.76 24.25
C GLY B 207 -13.58 40.45 24.96
N TRP B 208 -12.70 41.46 25.08
CA TRP B 208 -11.28 41.30 25.48
C TRP B 208 -11.04 41.70 26.94
N GLN B 209 -12.06 42.23 27.62
CA GLN B 209 -11.90 42.78 28.99
C GLN B 209 -13.04 42.28 29.87
N TYR B 210 -13.42 41.00 29.74
CA TYR B 210 -14.47 40.38 30.58
C TYR B 210 -14.11 38.91 30.86
N SER B 211 -13.81 38.62 32.13
CA SER B 211 -13.48 37.27 32.65
C SER B 211 -14.78 36.56 33.06
N LEU B 212 -15.13 35.49 32.36
CA LEU B 212 -16.44 34.80 32.49
C LEU B 212 -16.54 34.13 33.87
N LYS B 213 -17.77 33.91 34.33
CA LYS B 213 -18.09 33.26 35.64
C LYS B 213 -17.89 31.75 35.51
N PHE B 214 -18.30 31.19 34.38
CA PHE B 214 -18.40 29.73 34.17
C PHE B 214 -17.98 29.38 32.74
N SER B 215 -17.16 28.34 32.62
CA SER B 215 -16.87 27.64 31.34
C SER B 215 -16.83 26.14 31.61
N GLU B 216 -17.33 25.36 30.66
CA GLU B 216 -17.14 23.90 30.59
C GLU B 216 -16.81 23.54 29.15
N MET B 217 -15.73 22.80 28.94
CA MET B 217 -15.36 22.19 27.64
C MET B 217 -15.59 20.69 27.76
N LYS B 218 -16.31 20.10 26.81
CA LYS B 218 -16.79 18.70 26.89
C LYS B 218 -16.92 18.13 25.47
N ILE B 219 -16.82 16.82 25.34
CA ILE B 219 -16.72 16.11 24.04
C ILE B 219 -17.70 14.93 24.01
N ARG B 220 -18.16 14.59 22.81
CA ARG B 220 -19.09 13.47 22.54
C ARG B 220 -18.78 12.91 21.16
N PRO B 221 -18.79 11.57 20.97
CA PRO B 221 -18.56 10.99 19.65
C PRO B 221 -19.68 11.37 18.68
N VAL B 222 -19.33 11.56 17.41
CA VAL B 222 -20.27 11.78 16.27
C VAL B 222 -20.15 10.59 15.31
C1 NAG C . 4.20 -24.81 -4.26
C2 NAG C . 3.97 -24.89 -2.75
C3 NAG C . 4.91 -25.93 -2.14
C4 NAG C . 4.92 -27.25 -2.92
C5 NAG C . 5.15 -26.98 -4.41
C6 NAG C . 5.19 -28.22 -5.29
C7 NAG C . 3.30 -22.84 -1.50
C8 NAG C . 3.83 -21.53 -0.97
N2 NAG C . 4.21 -23.58 -2.16
O3 NAG C . 4.52 -26.23 -0.80
O4 NAG C . 5.98 -28.07 -2.35
O5 NAG C . 4.11 -26.11 -4.85
O6 NAG C . 3.98 -28.99 -5.16
O7 NAG C . 2.14 -23.16 -1.32
C1 FUC C . 5.30 -25.52 0.19
C2 FUC C . 4.47 -25.39 1.47
C3 FUC C . 4.18 -26.76 2.05
C4 FUC C . 5.49 -27.52 2.30
C5 FUC C . 6.38 -27.50 1.05
C6 FUC C . 7.77 -28.09 1.32
O2 FUC C . 3.25 -24.68 1.20
O3 FUC C . 3.42 -26.64 3.26
O4 FUC C . 6.17 -26.91 3.41
O5 FUC C . 6.53 -26.18 0.52
C1 NAG C . 5.60 -29.46 -2.20
C2 NAG C . 6.86 -30.27 -1.95
C3 NAG C . 6.60 -31.74 -1.62
C4 NAG C . 5.43 -31.91 -0.67
C5 NAG C . 4.26 -31.08 -1.18
C6 NAG C . 2.98 -31.24 -0.37
C7 NAG C . 8.80 -29.42 -3.14
C8 NAG C . 9.45 -29.27 -4.48
N2 NAG C . 7.67 -30.13 -3.13
O3 NAG C . 7.76 -32.32 -1.00
O4 NAG C . 5.10 -33.29 -0.56
O5 NAG C . 4.64 -29.70 -1.18
O6 NAG C . 1.97 -30.41 -0.97
O7 NAG C . 9.26 -28.92 -2.12
CA CA D . 22.85 -6.07 -33.05
S SO4 E . 29.26 -21.88 -25.32
O1 SO4 E . 28.25 -22.52 -26.11
O2 SO4 E . 28.71 -21.44 -24.07
O3 SO4 E . 29.78 -20.74 -26.03
O4 SO4 E . 30.34 -22.80 -25.07
C ACY F . 27.68 -6.16 -20.97
O ACY F . 26.96 -7.02 -21.53
OXT ACY F . 28.06 -5.10 -21.53
CH3 ACY F . 28.11 -6.41 -19.54
C1 SLB G . 14.75 1.43 -26.64
C2 SLB G . 14.73 0.47 -25.45
C3 SLB G . 15.77 -0.60 -25.65
C4 SLB G . 15.64 -1.71 -24.61
C5 SLB G . 14.21 -2.22 -24.57
C6 SLB G . 13.22 -1.08 -24.33
C7 SLB G . 11.77 -1.52 -24.43
C8 SLB G . 10.77 -0.38 -24.17
C9 SLB G . 9.33 -0.77 -24.36
C10 SLB G . 14.07 -4.58 -23.91
C11 SLB G . 14.11 -5.55 -22.76
N5 SLB G . 14.03 -3.28 -23.58
O1A SLB G . 13.77 1.56 -27.34
O1B SLB G . 15.75 2.06 -26.88
O2 SLB G . 14.99 1.16 -24.27
O4 SLB G . 16.55 -2.76 -24.97
O6 SLB G . 13.40 -0.08 -25.36
O7 SLB G . 11.52 -2.07 -25.73
O8 SLB G . 10.97 0.08 -22.85
O9 SLB G . 8.86 -1.56 -23.27
O10 SLB G . 14.08 -4.96 -25.08
CA CA H . 6.52 32.54 21.38
S SO4 I . 3.62 24.78 38.04
O1 SO4 I . 2.75 25.88 38.35
O2 SO4 I . 2.90 23.78 37.30
O3 SO4 I . 4.12 24.22 39.27
O4 SO4 I . 4.71 25.25 37.26
S SO4 J . 0.43 33.34 12.33
O1 SO4 J . 0.22 31.99 12.78
O2 SO4 J . -0.28 33.54 11.10
O3 SO4 J . -0.04 34.27 13.32
O4 SO4 J . 1.84 33.55 12.10
C ACY K . -22.58 20.27 34.83
O ACY K . -22.31 19.56 33.82
OXT ACY K . -22.08 21.39 35.06
CH3 ACY K . -23.60 19.72 35.84
C ACY L . -4.81 38.86 21.30
O ACY L . -3.94 38.07 20.87
OXT ACY L . -5.31 39.79 20.62
CH3 ACY L . -5.31 38.68 22.73
#